data_5XEV
#
_entry.id   5XEV
#
_cell.length_a   90.670
_cell.length_b   91.879
_cell.length_c   53.849
_cell.angle_alpha   90.00
_cell.angle_beta   98.78
_cell.angle_gamma   90.00
#
_symmetry.space_group_name_H-M   'C 1 2 1'
#
loop_
_entity.id
_entity.type
_entity.pdbx_description
1 polymer 'Xaa-Pro dipeptidase,Peptidase-related protein'
2 non-polymer 'ZINC ION'
3 non-polymer 'PHOSPHATE ION'
4 non-polymer 'ACETATE ION'
5 non-polymer 'CHLORIDE ION'
6 non-polymer 1,2-ETHANEDIOL
7 water water
#
_entity_poly.entity_id   1
_entity_poly.type   'polypeptide(L)'
_entity_poly.pdbx_seq_one_letter_code
;GSTPIPAMQAALAATDLDGWLVYDFQGLNPHARRVLGIGDDVFLTRRFFVWVPRAGRAVVLHNHIEGGNWNRITQEWDAE
LRPFGSHAELDAALRGVVSGQRLAMEYSPNGAVPYVSRVDAGTLERVRGAGAAEVASSADLLQAFLVWTPDDLAAHRRAA
ALLMRAKDDAFRLIHDRLRAGQSVTEWEVQQLIMDQIRAAGMQAGHDVNVSFGVNAADSHYEPSEQRSATLHPGECVLID
LWAQEPGRPFADVTWVGFAGEPGTEYLDAWQAVRAAREAALELLRSRFVAEGYGRLQGWELDRAARDAMGERWAPHFLHR
TGHDLGVQIHGAGANLDDYETRDTRTLTPGLSVTVEPGTYPAAASPSGQGGFGIRSEVDVYLAPDGPEVTTDLQQAPFIL
GVGDWDAVRAAGYGEQ
;
_entity_poly.pdbx_strand_id   A
#
# COMPACT_ATOMS: atom_id res chain seq x y z
N SER A 2 3.67 -12.66 25.55
CA SER A 2 2.89 -13.23 24.46
C SER A 2 3.78 -14.18 23.65
N THR A 3 3.18 -14.90 22.71
CA THR A 3 3.93 -15.77 21.83
C THR A 3 3.60 -15.43 20.39
N PRO A 4 4.62 -15.22 19.54
CA PRO A 4 4.38 -14.96 18.12
C PRO A 4 4.22 -16.21 17.28
N ILE A 5 4.44 -17.39 17.87
CA ILE A 5 4.60 -18.60 17.06
C ILE A 5 3.29 -19.04 16.43
N PRO A 6 2.16 -19.03 17.15
CA PRO A 6 0.91 -19.43 16.49
C PRO A 6 0.59 -18.61 15.25
N ALA A 7 0.79 -17.29 15.28
CA ALA A 7 0.47 -16.50 14.10
C ALA A 7 1.40 -16.85 12.96
N MET A 8 2.68 -17.08 13.26
CA MET A 8 3.64 -17.42 12.23
C MET A 8 3.32 -18.78 11.63
N GLN A 9 2.91 -19.75 12.45
CA GLN A 9 2.55 -21.07 11.94
C GLN A 9 1.24 -21.02 11.15
N ALA A 10 0.30 -20.17 11.56
CA ALA A 10 -0.92 -20.02 10.77
C ALA A 10 -0.60 -19.43 9.40
N ALA A 11 0.33 -18.48 9.34
CA ALA A 11 0.74 -17.92 8.07
C ALA A 11 1.43 -18.99 7.23
N LEU A 12 2.31 -19.77 7.85
CA LEU A 12 2.97 -20.83 7.13
C LEU A 12 1.99 -21.86 6.57
N ALA A 13 0.87 -22.08 7.27
CA ALA A 13 -0.06 -23.13 6.85
C ALA A 13 -0.62 -22.86 5.47
N ALA A 14 -0.73 -21.60 5.08
CA ALA A 14 -1.24 -21.24 3.77
C ALA A 14 -0.19 -21.32 2.68
N THR A 15 1.02 -21.74 3.02
CA THR A 15 2.11 -21.93 2.08
C THR A 15 2.42 -23.41 2.00
N ASP A 16 3.35 -23.77 1.12
CA ASP A 16 3.89 -25.12 1.08
C ASP A 16 5.31 -25.18 1.65
N LEU A 17 5.74 -24.15 2.37
CA LEU A 17 7.10 -24.13 2.88
C LEU A 17 7.20 -24.90 4.19
N ASP A 18 8.41 -25.39 4.47
CA ASP A 18 8.66 -26.13 5.69
C ASP A 18 8.78 -25.24 6.91
N GLY A 19 9.14 -23.97 6.73
CA GLY A 19 9.29 -23.11 7.88
C GLY A 19 9.79 -21.74 7.48
N TRP A 20 9.90 -20.90 8.49
CA TRP A 20 10.30 -19.50 8.37
C TRP A 20 11.52 -19.33 9.24
N LEU A 21 12.64 -18.95 8.63
CA LEU A 21 13.88 -18.69 9.37
C LEU A 21 14.06 -17.18 9.51
N VAL A 22 13.83 -16.68 10.70
CA VAL A 22 13.99 -15.25 11.00
C VAL A 22 15.42 -15.01 11.44
N TYR A 23 16.14 -14.12 10.78
CA TYR A 23 17.49 -13.75 11.14
C TYR A 23 17.55 -12.26 11.46
N ASP A 24 18.33 -11.88 12.47
CA ASP A 24 18.60 -10.47 12.71
C ASP A 24 19.98 -10.27 13.30
N PHE A 25 20.51 -9.08 13.06
CA PHE A 25 21.70 -8.56 13.73
C PHE A 25 21.46 -7.08 13.97
N GLN A 26 21.28 -6.69 15.23
CA GLN A 26 21.11 -5.28 15.61
C GLN A 26 19.98 -4.69 14.78
N GLY A 27 20.18 -3.58 14.06
CA GLY A 27 19.10 -3.00 13.30
C GLY A 27 18.88 -3.53 11.89
N LEU A 28 19.50 -4.65 11.53
CA LEU A 28 19.54 -5.06 10.14
C LEU A 28 18.16 -5.39 9.59
N ASN A 29 17.35 -6.10 10.37
CA ASN A 29 16.08 -6.67 9.91
C ASN A 29 14.97 -6.31 10.88
N PRO A 30 14.38 -5.14 10.74
CA PRO A 30 13.30 -4.74 11.67
C PRO A 30 12.14 -5.72 11.70
N HIS A 31 11.89 -6.43 10.61
CA HIS A 31 10.79 -7.39 10.61
C HIS A 31 11.01 -8.47 11.65
N ALA A 32 12.27 -8.83 11.92
CA ALA A 32 12.52 -9.90 12.87
C ALA A 32 11.94 -9.56 14.21
N ARG A 33 12.23 -8.37 14.70
CA ARG A 33 11.76 -8.01 16.03
C ARG A 33 10.26 -7.79 16.05
N ARG A 34 9.71 -7.23 14.97
CA ARG A 34 8.27 -7.01 14.90
C ARG A 34 7.51 -8.33 14.88
N VAL A 35 7.87 -9.23 13.97
CA VAL A 35 7.13 -10.49 13.88
C VAL A 35 7.25 -11.30 15.15
N LEU A 36 8.40 -11.24 15.81
CA LEU A 36 8.64 -12.05 17.01
C LEU A 36 8.14 -11.37 18.28
N GLY A 37 7.65 -10.13 18.19
CA GLY A 37 7.11 -9.46 19.35
C GLY A 37 8.17 -9.01 20.33
N ILE A 38 9.38 -8.74 19.86
CA ILE A 38 10.47 -8.31 20.72
C ILE A 38 10.36 -6.81 20.96
N GLY A 39 10.31 -6.42 22.24
CA GLY A 39 10.15 -5.01 22.56
C GLY A 39 11.36 -4.18 22.16
N ASP A 40 11.10 -2.92 21.81
CA ASP A 40 12.17 -2.04 21.37
C ASP A 40 13.18 -1.81 22.48
N ASP A 41 12.75 -1.90 23.74
CA ASP A 41 13.63 -1.70 24.88
C ASP A 41 14.53 -2.89 25.17
N VAL A 42 14.48 -3.93 24.34
CA VAL A 42 15.30 -5.13 24.56
C VAL A 42 16.61 -4.93 23.80
N PHE A 43 17.71 -4.98 24.54
CA PHE A 43 19.05 -4.73 23.99
C PHE A 43 19.64 -6.06 23.54
N LEU A 44 19.74 -6.24 22.22
CA LEU A 44 20.31 -7.45 21.63
C LEU A 44 21.47 -7.06 20.72
N THR A 45 22.69 -7.32 21.17
CA THR A 45 23.87 -6.94 20.40
C THR A 45 24.36 -8.03 19.47
N ARG A 46 23.93 -9.26 19.67
CA ARG A 46 24.44 -10.37 18.86
C ARG A 46 23.38 -10.89 17.90
N ARG A 47 23.88 -11.46 16.81
CA ARG A 47 23.01 -12.03 15.79
C ARG A 47 22.24 -13.21 16.36
N PHE A 48 21.08 -13.49 15.75
CA PHE A 48 20.29 -14.63 16.18
C PHE A 48 19.47 -15.14 15.02
N PHE A 49 19.03 -16.39 15.13
CA PHE A 49 18.07 -16.99 14.22
C PHE A 49 16.92 -17.53 15.04
N VAL A 50 15.70 -17.39 14.53
CA VAL A 50 14.55 -18.12 15.06
C VAL A 50 13.96 -18.93 13.94
N TRP A 51 13.95 -20.26 14.12
CA TRP A 51 13.37 -21.19 13.17
C TRP A 51 11.95 -21.49 13.61
N VAL A 52 11.00 -21.25 12.72
CA VAL A 52 9.61 -21.60 12.99
C VAL A 52 9.16 -22.62 11.96
N PRO A 53 9.02 -23.89 12.31
CA PRO A 53 8.51 -24.88 11.38
C PRO A 53 6.99 -24.75 11.25
N ARG A 54 6.44 -25.46 10.26
CA ARG A 54 5.00 -25.47 10.06
C ARG A 54 4.26 -25.86 11.33
N ALA A 55 4.78 -26.85 12.04
CA ALA A 55 4.18 -27.37 13.25
C ALA A 55 5.32 -27.83 14.16
N GLY A 56 5.10 -27.73 15.46
CA GLY A 56 6.10 -28.08 16.45
C GLY A 56 6.75 -26.84 17.03
N ARG A 57 7.79 -27.09 17.81
CA ARG A 57 8.43 -26.02 18.57
C ARG A 57 9.26 -25.14 17.65
N ALA A 58 9.25 -23.84 17.92
CA ALA A 58 10.26 -22.95 17.38
C ALA A 58 11.61 -23.28 17.99
N VAL A 59 12.66 -22.94 17.26
CA VAL A 59 14.04 -23.14 17.73
C VAL A 59 14.77 -21.80 17.65
N VAL A 60 15.24 -21.32 18.80
CA VAL A 60 15.96 -20.07 18.87
C VAL A 60 17.45 -20.37 18.95
N LEU A 61 18.21 -19.90 17.98
CA LEU A 61 19.66 -19.99 18.02
C LEU A 61 20.17 -18.62 18.46
N HIS A 62 20.74 -18.56 19.65
CA HIS A 62 21.18 -17.30 20.23
C HIS A 62 22.56 -17.46 20.81
N ASN A 63 23.29 -16.35 20.83
CA ASN A 63 24.59 -16.34 21.46
C ASN A 63 24.42 -16.50 22.96
N HIS A 64 25.26 -17.33 23.56
CA HIS A 64 25.11 -17.63 24.98
C HIS A 64 25.21 -16.38 25.84
N ILE A 65 25.90 -15.34 25.37
CA ILE A 65 26.08 -14.15 26.19
C ILE A 65 24.75 -13.42 26.40
N GLU A 66 23.77 -13.64 25.53
CA GLU A 66 22.46 -13.00 25.65
C GLU A 66 21.37 -14.02 25.98
N GLY A 67 21.75 -15.10 26.67
CA GLY A 67 20.75 -16.11 27.05
C GLY A 67 19.70 -15.56 27.99
N GLY A 68 20.12 -14.70 28.93
CA GLY A 68 19.15 -14.16 29.87
C GLY A 68 18.06 -13.37 29.18
N ASN A 69 18.46 -12.51 28.23
CA ASN A 69 17.47 -11.74 27.50
C ASN A 69 16.56 -12.64 26.69
N TRP A 70 17.12 -13.74 26.14
CA TRP A 70 16.32 -14.65 25.33
C TRP A 70 15.36 -15.48 26.17
N ASN A 71 15.72 -15.86 27.39
CA ASN A 71 14.75 -16.46 28.31
C ASN A 71 13.56 -15.54 28.53
N ARG A 72 13.83 -14.25 28.79
CA ARG A 72 12.76 -13.29 29.04
C ARG A 72 11.90 -13.10 27.79
N ILE A 73 12.53 -12.91 26.64
CA ILE A 73 11.78 -12.71 25.40
C ILE A 73 10.80 -13.85 25.19
N THR A 74 11.26 -15.09 25.41
CA THR A 74 10.54 -16.27 24.95
C THR A 74 9.78 -16.97 26.05
N GLN A 75 9.63 -16.37 27.21
CA GLN A 75 9.14 -17.12 28.35
C GLN A 75 7.73 -17.68 28.12
N GLU A 76 6.96 -17.11 27.20
CA GLU A 76 5.62 -17.61 26.88
C GLU A 76 5.59 -18.40 25.57
N TRP A 77 6.73 -18.64 24.91
CA TRP A 77 6.74 -19.21 23.57
C TRP A 77 6.68 -20.73 23.52
N ASP A 78 7.10 -21.43 24.54
CA ASP A 78 7.23 -22.87 24.44
C ASP A 78 8.10 -23.26 23.24
N ALA A 79 9.34 -22.74 23.24
CA ALA A 79 10.30 -22.93 22.19
C ALA A 79 11.54 -23.63 22.74
N GLU A 80 12.32 -24.26 21.85
CA GLU A 80 13.66 -24.68 22.20
C GLU A 80 14.59 -23.47 22.14
N LEU A 81 15.42 -23.29 23.18
CA LEU A 81 16.44 -22.26 23.20
C LEU A 81 17.77 -22.98 23.09
N ARG A 82 18.57 -22.64 22.09
CA ARG A 82 19.81 -23.33 21.82
C ARG A 82 20.94 -22.32 21.75
N PRO A 83 21.82 -22.28 22.73
CA PRO A 83 22.91 -21.31 22.71
C PRO A 83 24.01 -21.78 21.80
N PHE A 84 24.73 -20.80 21.25
CA PHE A 84 25.99 -21.05 20.59
C PHE A 84 27.03 -20.04 21.07
N GLY A 85 28.28 -20.44 20.95
CA GLY A 85 29.40 -19.55 21.24
C GLY A 85 30.30 -19.39 20.03
N SER A 86 30.80 -20.49 19.54
CA SER A 86 31.75 -20.49 18.44
C SER A 86 31.02 -20.56 17.11
N HIS A 87 31.72 -20.19 16.05
CA HIS A 87 31.12 -20.30 14.72
C HIS A 87 30.88 -21.76 14.36
N ALA A 88 31.70 -22.68 14.85
CA ALA A 88 31.44 -24.09 14.60
C ALA A 88 30.12 -24.52 15.23
N GLU A 89 29.85 -24.07 16.46
CA GLU A 89 28.59 -24.37 17.11
C GLU A 89 27.43 -23.74 16.38
N LEU A 90 27.57 -22.49 15.95
CA LEU A 90 26.51 -21.85 15.18
C LEU A 90 26.21 -22.65 13.93
N ASP A 91 27.24 -23.04 13.18
CA ASP A 91 27.00 -23.73 11.92
C ASP A 91 26.40 -25.11 12.14
N ALA A 92 26.82 -25.83 13.19
CA ALA A 92 26.19 -27.12 13.48
C ALA A 92 24.73 -26.94 13.81
N ALA A 93 24.38 -25.93 14.60
CA ALA A 93 22.99 -25.68 14.94
C ALA A 93 22.20 -25.27 13.71
N LEU A 94 22.78 -24.43 12.86
CA LEU A 94 22.07 -23.99 11.66
CA LEU A 94 22.09 -24.00 11.64
C LEU A 94 21.81 -25.17 10.72
N ARG A 95 22.81 -26.02 10.51
CA ARG A 95 22.61 -27.21 9.70
CA ARG A 95 22.59 -27.21 9.69
C ARG A 95 21.48 -28.06 10.27
N GLY A 96 21.44 -28.18 11.59
CA GLY A 96 20.40 -29.00 12.20
C GLY A 96 19.01 -28.51 11.84
N VAL A 97 18.83 -27.20 11.79
CA VAL A 97 17.50 -26.65 11.55
C VAL A 97 17.17 -26.51 10.06
N VAL A 98 18.14 -26.20 9.20
CA VAL A 98 17.82 -25.86 7.82
C VAL A 98 18.09 -26.98 6.81
N SER A 99 18.91 -27.95 7.13
CA SER A 99 19.29 -28.94 6.12
C SER A 99 18.05 -29.61 5.59
N GLY A 100 17.90 -29.61 4.26
CA GLY A 100 16.77 -30.28 3.66
C GLY A 100 15.45 -29.55 3.82
N GLN A 101 15.48 -28.27 4.21
CA GLN A 101 14.26 -27.52 4.45
C GLN A 101 14.06 -26.47 3.37
N ARG A 102 12.81 -26.30 2.95
CA ARG A 102 12.39 -25.24 2.05
C ARG A 102 11.83 -24.14 2.94
N LEU A 103 12.51 -23.01 3.00
CA LEU A 103 12.23 -22.05 4.05
C LEU A 103 12.14 -20.64 3.49
N ALA A 104 11.51 -19.76 4.28
CA ALA A 104 11.47 -18.35 3.96
C ALA A 104 12.39 -17.53 4.85
N MET A 105 12.93 -16.47 4.27
CA MET A 105 13.68 -15.46 4.99
C MET A 105 13.29 -14.09 4.46
N GLU A 106 13.72 -13.04 5.16
CA GLU A 106 13.48 -11.66 4.71
C GLU A 106 14.49 -11.38 3.61
N TYR A 107 14.10 -11.80 2.42
CA TYR A 107 14.92 -11.82 1.22
C TYR A 107 14.01 -11.45 0.06
N SER A 108 14.49 -10.58 -0.82
CA SER A 108 13.73 -10.18 -2.00
C SER A 108 14.63 -10.42 -3.21
N PRO A 109 14.29 -11.35 -4.10
CA PRO A 109 15.13 -11.58 -5.27
C PRO A 109 15.37 -10.28 -6.02
N ASN A 110 16.63 -10.05 -6.37
CA ASN A 110 17.04 -8.87 -7.11
C ASN A 110 16.88 -7.58 -6.29
N GLY A 111 16.58 -7.69 -5.00
CA GLY A 111 16.37 -6.51 -4.18
C GLY A 111 15.22 -5.67 -4.67
N ALA A 112 14.17 -6.33 -5.15
CA ALA A 112 13.05 -5.60 -5.75
C ALA A 112 12.27 -4.82 -4.70
N VAL A 113 12.14 -5.36 -3.50
CA VAL A 113 11.34 -4.76 -2.44
C VAL A 113 12.24 -4.52 -1.25
N PRO A 114 12.89 -3.36 -1.18
CA PRO A 114 13.83 -3.11 -0.09
C PRO A 114 13.25 -3.30 1.30
N TYR A 115 11.97 -3.01 1.54
CA TYR A 115 11.50 -3.15 2.90
C TYR A 115 11.49 -4.59 3.37
N VAL A 116 11.44 -5.56 2.44
CA VAL A 116 11.49 -6.97 2.80
C VAL A 116 12.89 -7.54 2.69
N SER A 117 13.79 -6.87 1.99
CA SER A 117 15.08 -7.45 1.65
C SER A 117 16.11 -7.02 2.70
N ARG A 118 16.14 -7.77 3.80
CA ARG A 118 16.92 -7.34 4.96
C ARG A 118 18.07 -8.26 5.33
N VAL A 119 17.99 -9.55 5.01
CA VAL A 119 19.07 -10.47 5.39
C VAL A 119 20.26 -10.22 4.47
N ASP A 120 21.44 -10.11 5.06
CA ASP A 120 22.63 -9.77 4.30
C ASP A 120 23.06 -10.94 3.42
N ALA A 121 23.78 -10.58 2.34
CA ALA A 121 24.21 -11.58 1.37
C ALA A 121 25.04 -12.67 2.04
N GLY A 122 25.93 -12.31 2.95
CA GLY A 122 26.82 -13.29 3.54
C GLY A 122 26.06 -14.29 4.40
N THR A 123 25.12 -13.81 5.21
CA THR A 123 24.33 -14.74 6.02
C THR A 123 23.48 -15.65 5.15
N LEU A 124 22.95 -15.13 4.04
CA LEU A 124 22.21 -16.02 3.15
C LEU A 124 23.11 -17.10 2.57
N GLU A 125 24.34 -16.73 2.18
CA GLU A 125 25.30 -17.73 1.75
C GLU A 125 25.49 -18.80 2.82
N ARG A 126 25.56 -18.37 4.08
CA ARG A 126 25.76 -19.31 5.17
C ARG A 126 24.57 -20.25 5.33
N VAL A 127 23.35 -19.72 5.18
CA VAL A 127 22.17 -20.57 5.29
C VAL A 127 22.15 -21.59 4.15
N ARG A 128 22.44 -21.16 2.93
CA ARG A 128 22.53 -22.12 1.84
C ARG A 128 23.62 -23.14 2.09
N GLY A 129 24.76 -22.70 2.61
CA GLY A 129 25.86 -23.62 2.86
C GLY A 129 25.55 -24.62 3.95
N ALA A 130 24.60 -24.30 4.82
CA ALA A 130 24.12 -25.19 5.87
C ALA A 130 23.14 -26.23 5.34
N GLY A 131 22.80 -26.18 4.06
CA GLY A 131 22.02 -27.23 3.44
C GLY A 131 20.56 -26.90 3.15
N ALA A 132 20.15 -25.63 3.29
CA ALA A 132 18.76 -25.29 2.99
C ALA A 132 18.43 -25.73 1.58
N ALA A 133 17.27 -26.36 1.42
CA ALA A 133 16.89 -26.82 0.09
C ALA A 133 16.40 -25.68 -0.79
N GLU A 134 15.78 -24.67 -0.19
CA GLU A 134 15.24 -23.53 -0.92
C GLU A 134 15.17 -22.38 0.06
N VAL A 135 15.52 -21.19 -0.42
CA VAL A 135 15.26 -19.96 0.32
C VAL A 135 14.29 -19.15 -0.52
N ALA A 136 13.10 -18.93 0.02
CA ALA A 136 12.09 -18.10 -0.60
C ALA A 136 11.90 -16.83 0.20
N SER A 137 11.33 -15.84 -0.45
CA SER A 137 11.01 -14.59 0.24
C SER A 137 9.86 -14.79 1.21
N SER A 138 9.99 -14.18 2.40
CA SER A 138 8.90 -14.14 3.37
C SER A 138 7.88 -13.05 3.06
N ALA A 139 8.02 -12.35 1.94
CA ALA A 139 7.15 -11.20 1.67
C ALA A 139 5.67 -11.56 1.77
N ASP A 140 5.28 -12.70 1.21
CA ASP A 140 3.86 -13.07 1.24
C ASP A 140 3.43 -13.49 2.64
N LEU A 141 4.30 -14.20 3.38
CA LEU A 141 4.01 -14.50 4.77
C LEU A 141 3.75 -13.24 5.56
N LEU A 142 4.58 -12.21 5.35
CA LEU A 142 4.44 -10.97 6.09
C LEU A 142 3.08 -10.31 5.82
N GLN A 143 2.54 -10.51 4.62
CA GLN A 143 1.25 -9.92 4.30
C GLN A 143 0.12 -10.55 5.12
N ALA A 144 0.28 -11.79 5.60
CA ALA A 144 -0.76 -12.42 6.40
C ALA A 144 -1.07 -11.60 7.64
N PHE A 145 -0.10 -10.84 8.13
CA PHE A 145 -0.26 -10.05 9.34
C PHE A 145 -0.99 -8.74 9.10
N LEU A 146 -1.35 -8.46 7.84
CA LEU A 146 -1.97 -7.19 7.46
C LEU A 146 -3.45 -7.34 7.17
N VAL A 147 -4.02 -8.53 7.38
CA VAL A 147 -5.42 -8.79 7.04
C VAL A 147 -6.33 -7.95 7.92
N TRP A 148 -7.31 -7.29 7.30
CA TRP A 148 -8.25 -6.47 8.05
C TRP A 148 -9.23 -7.29 8.87
N THR A 149 -9.53 -6.85 10.08
CA THR A 149 -10.63 -7.42 10.83
C THR A 149 -11.95 -6.84 10.33
N PRO A 150 -13.09 -7.42 10.71
CA PRO A 150 -14.37 -6.78 10.35
C PRO A 150 -14.46 -5.34 10.83
N ASP A 151 -13.98 -5.04 12.02
CA ASP A 151 -14.03 -3.66 12.51
C ASP A 151 -13.12 -2.76 11.69
N ASP A 152 -11.98 -3.28 11.22
CA ASP A 152 -11.11 -2.51 10.33
C ASP A 152 -11.84 -2.16 9.05
N LEU A 153 -12.52 -3.15 8.45
CA LEU A 153 -13.25 -2.89 7.22
C LEU A 153 -14.35 -1.86 7.45
N ALA A 154 -15.12 -2.01 8.53
CA ALA A 154 -16.19 -1.05 8.80
C ALA A 154 -15.63 0.36 8.98
N ALA A 155 -14.50 0.48 9.66
CA ALA A 155 -13.90 1.80 9.85
C ALA A 155 -13.38 2.36 8.53
N HIS A 156 -12.79 1.51 7.69
CA HIS A 156 -12.41 1.96 6.35
C HIS A 156 -13.63 2.49 5.59
N ARG A 157 -14.76 1.78 5.65
CA ARG A 157 -15.93 2.24 4.92
C ARG A 157 -16.50 3.53 5.50
N ARG A 158 -16.40 3.76 6.80
CA ARG A 158 -16.84 5.04 7.34
C ARG A 158 -15.94 6.17 6.82
N ALA A 159 -14.64 5.91 6.72
CA ALA A 159 -13.74 6.91 6.17
C ALA A 159 -14.05 7.14 4.70
N ALA A 160 -14.36 6.06 3.97
CA ALA A 160 -14.68 6.20 2.55
C ALA A 160 -15.90 7.08 2.36
N ALA A 161 -16.94 6.85 3.16
CA ALA A 161 -18.15 7.66 3.04
C ALA A 161 -17.87 9.12 3.36
N LEU A 162 -17.08 9.39 4.40
CA LEU A 162 -16.71 10.77 4.70
C LEU A 162 -15.98 11.40 3.51
N LEU A 163 -15.06 10.68 2.89
CA LEU A 163 -14.32 11.25 1.76
C LEU A 163 -15.24 11.51 0.59
N MET A 164 -16.23 10.64 0.35
CA MET A 164 -17.15 10.92 -0.75
C MET A 164 -17.93 12.20 -0.51
N ARG A 165 -18.37 12.43 0.74
CA ARG A 165 -19.04 13.68 1.08
C ARG A 165 -18.10 14.86 0.95
N ALA A 166 -16.89 14.72 1.49
CA ALA A 166 -15.97 15.85 1.55
C ALA A 166 -15.54 16.27 0.15
N LYS A 167 -15.33 15.31 -0.76
CA LYS A 167 -14.91 15.69 -2.10
C LYS A 167 -16.06 16.38 -2.84
N ASP A 168 -17.30 15.99 -2.56
CA ASP A 168 -18.42 16.74 -3.15
C ASP A 168 -18.45 18.17 -2.61
N ASP A 169 -18.32 18.33 -1.30
CA ASP A 169 -18.38 19.67 -0.74
C ASP A 169 -17.22 20.52 -1.23
N ALA A 170 -16.04 19.91 -1.39
CA ALA A 170 -14.89 20.66 -1.88
C ALA A 170 -15.12 21.11 -3.31
N PHE A 171 -15.55 20.21 -4.18
CA PHE A 171 -15.80 20.60 -5.56
C PHE A 171 -16.98 21.53 -5.68
N ARG A 172 -18.01 21.40 -4.83
CA ARG A 172 -19.11 22.35 -4.85
C ARG A 172 -18.65 23.74 -4.46
N LEU A 173 -17.76 23.83 -3.47
CA LEU A 173 -17.16 25.12 -3.12
C LEU A 173 -16.50 25.75 -4.32
N ILE A 174 -15.66 24.98 -5.03
CA ILE A 174 -15.00 25.53 -6.21
C ILE A 174 -16.02 25.93 -7.25
N HIS A 175 -16.98 25.06 -7.52
CA HIS A 175 -18.05 25.37 -8.46
C HIS A 175 -18.74 26.69 -8.14
N ASP A 176 -19.11 26.87 -6.88
CA ASP A 176 -19.83 28.07 -6.46
C ASP A 176 -18.95 29.30 -6.63
N ARG A 177 -17.68 29.20 -6.25
CA ARG A 177 -16.79 30.35 -6.40
C ARG A 177 -16.63 30.72 -7.86
N LEU A 178 -16.48 29.74 -8.73
CA LEU A 178 -16.32 30.04 -10.15
C LEU A 178 -17.57 30.72 -10.70
N ARG A 179 -18.74 30.16 -10.38
CA ARG A 179 -19.99 30.76 -10.87
C ARG A 179 -20.15 32.18 -10.37
N ALA A 180 -19.71 32.47 -9.16
CA ALA A 180 -19.85 33.79 -8.58
C ALA A 180 -18.71 34.73 -8.95
N GLY A 181 -17.70 34.24 -9.66
CA GLY A 181 -16.51 35.05 -9.93
C GLY A 181 -15.75 35.45 -8.70
N GLN A 182 -15.75 34.62 -7.67
CA GLN A 182 -15.06 34.90 -6.42
C GLN A 182 -13.81 34.03 -6.33
N SER A 183 -12.73 34.60 -5.82
CA SER A 183 -11.47 33.87 -5.78
C SER A 183 -11.58 32.66 -4.86
N VAL A 184 -10.89 31.59 -5.24
CA VAL A 184 -10.71 30.43 -4.38
C VAL A 184 -9.29 29.92 -4.49
N THR A 185 -8.70 29.57 -3.36
CA THR A 185 -7.34 29.03 -3.32
C THR A 185 -7.32 27.56 -2.97
N GLU A 186 -6.23 26.90 -3.33
CA GLU A 186 -6.02 25.52 -2.94
C GLU A 186 -6.10 25.33 -1.44
N TRP A 187 -5.51 26.25 -0.68
CA TRP A 187 -5.50 26.08 0.76
C TRP A 187 -6.91 26.16 1.36
N GLU A 188 -7.74 27.09 0.85
CA GLU A 188 -9.11 27.18 1.33
C GLU A 188 -9.85 25.88 1.14
N VAL A 189 -9.71 25.27 -0.04
CA VAL A 189 -10.39 24.00 -0.29
C VAL A 189 -9.80 22.91 0.58
N GLN A 190 -8.47 22.87 0.71
CA GLN A 190 -7.84 21.89 1.58
C GLN A 190 -8.40 21.98 2.99
N GLN A 191 -8.56 23.21 3.50
CA GLN A 191 -9.01 23.37 4.89
C GLN A 191 -10.47 23.02 5.06
N LEU A 192 -11.29 23.24 4.03
CA LEU A 192 -12.65 22.70 4.09
C LEU A 192 -12.61 21.19 4.34
N ILE A 193 -11.79 20.47 3.57
CA ILE A 193 -11.70 19.03 3.70
C ILE A 193 -11.14 18.62 5.06
N MET A 194 -10.07 19.29 5.48
CA MET A 194 -9.46 18.95 6.77
C MET A 194 -10.43 19.20 7.91
N ASP A 195 -11.21 20.29 7.82
CA ASP A 195 -12.21 20.53 8.87
C ASP A 195 -13.23 19.42 8.91
N GLN A 196 -13.65 18.93 7.74
CA GLN A 196 -14.64 17.85 7.72
C GLN A 196 -14.06 16.56 8.30
N ILE A 197 -12.81 16.25 7.96
CA ILE A 197 -12.15 15.07 8.50
C ILE A 197 -12.09 15.15 10.02
N ARG A 198 -11.64 16.30 10.54
CA ARG A 198 -11.49 16.44 11.98
C ARG A 198 -12.86 16.41 12.68
N ALA A 199 -13.88 17.04 12.10
CA ALA A 199 -15.19 17.05 12.73
C ALA A 199 -15.75 15.64 12.85
N ALA A 200 -15.38 14.75 11.93
CA ALA A 200 -15.85 13.38 11.93
C ALA A 200 -15.05 12.48 12.87
N GLY A 201 -14.10 13.03 13.63
CA GLY A 201 -13.30 12.22 14.52
C GLY A 201 -12.19 11.47 13.82
N MET A 202 -11.88 11.84 12.60
CA MET A 202 -10.87 11.17 11.81
C MET A 202 -9.64 12.04 11.72
N GLN A 203 -8.60 11.49 11.11
CA GLN A 203 -7.34 12.17 10.97
C GLN A 203 -6.74 11.81 9.63
N ALA A 204 -5.93 12.73 9.09
CA ALA A 204 -5.34 12.53 7.78
C ALA A 204 -3.85 12.23 7.81
N GLY A 205 -3.16 12.56 8.90
CA GLY A 205 -1.73 12.41 8.94
C GLY A 205 -1.09 13.64 8.33
N HIS A 206 -0.96 13.64 7.01
CA HIS A 206 -0.53 14.81 6.26
C HIS A 206 -1.76 15.48 5.67
N ASP A 207 -1.74 16.81 5.61
CA ASP A 207 -2.83 17.56 5.01
C ASP A 207 -3.04 17.12 3.57
N VAL A 208 -4.30 17.12 3.14
CA VAL A 208 -4.65 16.55 1.85
C VAL A 208 -4.22 17.45 0.69
N ASN A 209 -4.27 16.91 -0.51
CA ASN A 209 -3.74 17.58 -1.70
C ASN A 209 -4.88 18.19 -2.49
N VAL A 210 -4.91 19.52 -2.56
CA VAL A 210 -5.71 20.21 -3.55
C VAL A 210 -4.73 20.90 -4.49
N SER A 211 -4.82 20.59 -5.78
CA SER A 211 -3.91 21.11 -6.79
C SER A 211 -4.68 21.74 -7.93
N PHE A 212 -4.32 22.96 -8.29
CA PHE A 212 -4.89 23.66 -9.42
C PHE A 212 -3.85 23.77 -10.55
N GLY A 213 -4.30 23.58 -11.78
CA GLY A 213 -3.44 23.85 -12.92
C GLY A 213 -2.21 22.97 -12.93
N VAL A 214 -1.07 23.61 -13.18
CA VAL A 214 0.18 22.88 -13.31
C VAL A 214 0.56 22.17 -12.02
N ASN A 215 0.06 22.60 -10.87
CA ASN A 215 0.40 21.90 -9.63
C ASN A 215 -0.11 20.47 -9.62
N ALA A 216 -1.18 20.18 -10.37
CA ALA A 216 -1.70 18.83 -10.46
C ALA A 216 -0.76 17.90 -11.20
N ALA A 217 0.22 18.44 -11.94
CA ALA A 217 1.24 17.60 -12.59
C ALA A 217 2.34 17.18 -11.64
N ASP A 218 2.38 17.72 -10.43
CA ASP A 218 3.37 17.37 -9.41
C ASP A 218 2.69 16.49 -8.38
N SER A 219 2.93 15.18 -8.46
CA SER A 219 2.39 14.26 -7.46
C SER A 219 2.79 14.66 -6.04
N HIS A 220 3.91 15.35 -5.89
CA HIS A 220 4.43 15.72 -4.57
C HIS A 220 4.04 17.14 -4.19
N TYR A 221 2.83 17.56 -4.56
CA TYR A 221 2.35 18.90 -4.25
C TYR A 221 1.43 18.85 -3.04
N GLU A 222 1.63 19.78 -2.13
CA GLU A 222 0.75 19.97 -1.00
C GLU A 222 0.64 21.48 -0.80
N PRO A 223 -0.53 22.08 -0.96
CA PRO A 223 -0.66 23.50 -0.69
C PRO A 223 -0.53 23.75 0.80
N SER A 224 -0.21 25.00 1.12
CA SER A 224 -0.11 25.43 2.50
C SER A 224 -0.66 26.83 2.62
N GLU A 225 -0.81 27.30 3.86
CA GLU A 225 -1.25 28.67 4.06
C GLU A 225 -0.31 29.66 3.39
N GLN A 226 1.00 29.39 3.47
CA GLN A 226 1.98 30.33 2.97
C GLN A 226 2.00 30.35 1.45
N ARG A 227 1.91 29.19 0.81
CA ARG A 227 2.00 29.08 -0.64
C ARG A 227 0.86 28.20 -1.15
N SER A 228 -0.11 28.81 -1.81
CA SER A 228 -1.14 28.08 -2.51
C SER A 228 -1.68 28.95 -3.66
N ALA A 229 -2.14 28.28 -4.69
CA ALA A 229 -2.57 28.93 -5.92
C ALA A 229 -4.03 29.34 -5.88
N THR A 230 -4.34 30.42 -6.59
CA THR A 230 -5.70 30.86 -6.82
C THR A 230 -6.18 30.28 -8.16
N LEU A 231 -7.38 29.72 -8.16
CA LEU A 231 -7.88 29.10 -9.37
C LEU A 231 -8.23 30.14 -10.42
N HIS A 232 -7.97 29.80 -11.68
CA HIS A 232 -8.43 30.62 -12.80
C HIS A 232 -9.23 29.76 -13.77
N PRO A 233 -10.17 30.34 -14.49
CA PRO A 233 -10.85 29.58 -15.53
C PRO A 233 -9.86 28.98 -16.51
N GLY A 234 -10.16 27.78 -16.98
CA GLY A 234 -9.34 27.10 -17.95
C GLY A 234 -8.23 26.25 -17.37
N GLU A 235 -8.23 26.06 -16.05
CA GLU A 235 -7.24 25.25 -15.34
C GLU A 235 -7.92 24.00 -14.75
N CYS A 236 -7.15 22.93 -14.61
CA CYS A 236 -7.68 21.72 -14.02
C CYS A 236 -7.67 21.80 -12.51
N VAL A 237 -8.38 20.86 -11.88
CA VAL A 237 -8.37 20.67 -10.44
C VAL A 237 -8.16 19.19 -10.17
N LEU A 238 -7.33 18.90 -9.18
CA LEU A 238 -7.13 17.52 -8.72
C LEU A 238 -7.17 17.54 -7.21
N ILE A 239 -7.93 16.65 -6.61
CA ILE A 239 -8.03 16.56 -5.17
C ILE A 239 -7.77 15.12 -4.75
N ASP A 240 -6.73 14.92 -3.97
CA ASP A 240 -6.36 13.62 -3.44
C ASP A 240 -6.52 13.76 -1.94
N LEU A 241 -7.48 13.03 -1.38
CA LEU A 241 -7.84 13.19 0.02
C LEU A 241 -7.94 11.82 0.68
N TRP A 242 -7.67 11.78 1.98
CA TRP A 242 -7.54 10.53 2.68
C TRP A 242 -7.88 10.80 4.14
N ALA A 243 -8.31 9.75 4.83
CA ALA A 243 -8.67 9.87 6.24
C ALA A 243 -8.76 8.48 6.86
N GLN A 244 -8.52 8.42 8.16
CA GLN A 244 -8.71 7.19 8.92
C GLN A 244 -9.32 7.54 10.27
N GLU A 245 -10.06 6.59 10.82
CA GLU A 245 -10.25 6.60 12.26
C GLU A 245 -8.95 6.13 12.91
N PRO A 246 -8.61 6.67 14.08
CA PRO A 246 -7.32 6.30 14.71
C PRO A 246 -7.18 4.79 14.83
N GLY A 247 -6.02 4.28 14.40
CA GLY A 247 -5.71 2.87 14.50
C GLY A 247 -6.43 2.00 13.50
N ARG A 248 -7.10 2.59 12.52
CA ARG A 248 -7.88 1.84 11.54
C ARG A 248 -7.40 2.16 10.14
N PRO A 249 -7.74 1.33 9.15
CA PRO A 249 -7.23 1.59 7.80
C PRO A 249 -7.79 2.88 7.20
N PHE A 250 -6.91 3.56 6.47
CA PHE A 250 -7.29 4.72 5.71
C PHE A 250 -8.29 4.34 4.61
N ALA A 251 -9.05 5.34 4.22
CA ALA A 251 -9.56 5.46 2.86
C ALA A 251 -8.77 6.57 2.18
N ASP A 252 -8.69 6.50 0.85
CA ASP A 252 -7.74 7.33 0.11
C ASP A 252 -8.22 7.39 -1.34
N VAL A 253 -8.64 8.58 -1.80
CA VAL A 253 -9.23 8.72 -3.12
C VAL A 253 -8.73 9.98 -3.79
N THR A 254 -8.89 10.02 -5.12
CA THR A 254 -8.49 11.17 -5.92
C THR A 254 -9.56 11.37 -6.97
N TRP A 255 -10.08 12.61 -7.03
CA TRP A 255 -11.10 13.02 -7.98
C TRP A 255 -10.63 14.27 -8.69
N VAL A 256 -11.10 14.45 -9.93
CA VAL A 256 -10.67 15.56 -10.76
C VAL A 256 -11.83 16.41 -11.27
N GLY A 257 -11.48 17.66 -11.60
CA GLY A 257 -12.41 18.56 -12.24
C GLY A 257 -11.66 19.56 -13.10
N PHE A 258 -12.42 20.48 -13.67
CA PHE A 258 -11.86 21.50 -14.55
C PHE A 258 -12.64 22.78 -14.35
N ALA A 259 -11.95 23.91 -14.36
CA ALA A 259 -12.60 25.21 -14.20
C ALA A 259 -13.14 25.62 -15.56
N GLY A 260 -14.41 25.33 -15.78
CA GLY A 260 -15.03 25.58 -17.08
C GLY A 260 -14.87 24.38 -18.00
N GLU A 261 -15.19 24.60 -19.26
CA GLU A 261 -15.23 23.51 -20.20
C GLU A 261 -13.81 23.10 -20.59
N PRO A 262 -13.42 21.86 -20.43
CA PRO A 262 -12.07 21.45 -20.82
C PRO A 262 -11.95 21.26 -22.31
N GLY A 263 -10.73 21.42 -22.80
CA GLY A 263 -10.42 21.15 -24.18
C GLY A 263 -10.28 19.66 -24.49
N THR A 264 -10.11 19.39 -25.78
CA THR A 264 -10.05 18.01 -26.26
C THR A 264 -8.86 17.26 -25.66
N GLU A 265 -7.74 17.93 -25.45
CA GLU A 265 -6.57 17.24 -24.93
C GLU A 265 -6.80 16.72 -23.52
N TYR A 266 -7.31 17.58 -22.63
CA TYR A 266 -7.66 17.16 -21.27
C TYR A 266 -8.66 16.01 -21.29
N LEU A 267 -9.68 16.11 -22.16
CA LEU A 267 -10.71 15.08 -22.22
C LEU A 267 -10.12 13.76 -22.70
N ASP A 268 -9.20 13.82 -23.66
CA ASP A 268 -8.56 12.61 -24.14
C ASP A 268 -7.71 11.97 -23.06
N ALA A 269 -6.96 12.79 -22.32
CA ALA A 269 -6.19 12.29 -21.19
C ALA A 269 -7.10 11.63 -20.17
N TRP A 270 -8.25 12.23 -19.87
CA TRP A 270 -9.19 11.61 -18.95
C TRP A 270 -9.61 10.21 -19.44
N GLN A 271 -9.96 10.09 -20.72
CA GLN A 271 -10.40 8.79 -21.20
C GLN A 271 -9.31 7.75 -21.01
N ALA A 272 -8.05 8.15 -21.23
CA ALA A 272 -6.93 7.22 -21.08
C ALA A 272 -6.75 6.81 -19.64
N VAL A 273 -6.86 7.77 -18.70
CA VAL A 273 -6.71 7.45 -17.29
C VAL A 273 -7.86 6.57 -16.83
N ARG A 274 -9.07 6.87 -17.25
CA ARG A 274 -10.20 6.01 -16.92
C ARG A 274 -10.01 4.61 -17.48
N ALA A 275 -9.53 4.51 -18.71
CA ALA A 275 -9.27 3.19 -19.30
C ALA A 275 -8.22 2.42 -18.50
N ALA A 276 -7.18 3.13 -18.04
CA ALA A 276 -6.16 2.50 -17.22
C ALA A 276 -6.75 1.96 -15.92
N ARG A 277 -7.57 2.77 -15.25
CA ARG A 277 -8.21 2.32 -14.01
C ARG A 277 -9.06 1.09 -14.25
N GLU A 278 -9.90 1.13 -15.29
CA GLU A 278 -10.80 0.03 -15.58
C GLU A 278 -10.02 -1.23 -15.93
N ALA A 279 -8.90 -1.10 -16.62
CA ALA A 279 -8.14 -2.30 -17.01
C ALA A 279 -7.55 -2.99 -15.80
N ALA A 280 -7.04 -2.21 -14.84
CA ALA A 280 -6.53 -2.81 -13.61
C ALA A 280 -7.64 -3.51 -12.85
N LEU A 281 -8.79 -2.84 -12.69
CA LEU A 281 -9.90 -3.44 -11.97
C LEU A 281 -10.38 -4.71 -12.68
N GLU A 282 -10.43 -4.68 -14.02
CA GLU A 282 -10.92 -5.82 -14.79
C GLU A 282 -9.97 -7.00 -14.71
N LEU A 283 -8.66 -6.76 -14.71
CA LEU A 283 -7.74 -7.89 -14.57
C LEU A 283 -7.87 -8.52 -13.20
N LEU A 284 -7.97 -7.70 -12.16
CA LEU A 284 -8.18 -8.20 -10.81
C LEU A 284 -9.45 -9.06 -10.75
N ARG A 285 -10.55 -8.55 -11.30
CA ARG A 285 -11.81 -9.28 -11.27
C ARG A 285 -11.70 -10.57 -12.07
N SER A 286 -11.17 -10.49 -13.28
CA SER A 286 -11.19 -11.66 -14.16
C SER A 286 -10.26 -12.74 -13.65
N ARG A 287 -9.12 -12.37 -13.07
CA ARG A 287 -8.21 -13.37 -12.52
C ARG A 287 -8.83 -14.03 -11.30
N PHE A 288 -9.49 -13.25 -10.44
CA PHE A 288 -10.16 -13.86 -9.29
C PHE A 288 -11.21 -14.87 -9.74
N VAL A 289 -12.02 -14.51 -10.72
CA VAL A 289 -13.05 -15.44 -11.20
C VAL A 289 -12.40 -16.71 -11.74
N ALA A 290 -11.27 -16.56 -12.42
CA ALA A 290 -10.67 -17.69 -13.11
C ALA A 290 -9.98 -18.63 -12.14
N GLU A 291 -9.33 -18.10 -11.11
CA GLU A 291 -8.44 -18.91 -10.28
C GLU A 291 -8.39 -18.48 -8.82
N GLY A 292 -9.21 -17.52 -8.41
CA GLY A 292 -9.12 -17.02 -7.06
C GLY A 292 -7.84 -16.21 -6.86
N TYR A 293 -7.59 -15.83 -5.62
CA TYR A 293 -6.34 -15.19 -5.29
C TYR A 293 -5.25 -16.25 -5.13
N GLY A 294 -4.01 -15.82 -5.29
CA GLY A 294 -2.88 -16.67 -4.96
C GLY A 294 -1.79 -16.69 -6.01
N ARG A 295 -2.13 -16.32 -7.24
CA ARG A 295 -1.11 -16.21 -8.29
C ARG A 295 -0.90 -14.79 -8.77
N LEU A 296 -1.97 -14.01 -8.86
CA LEU A 296 -1.89 -12.64 -9.34
C LEU A 296 -0.98 -11.80 -8.44
N GLN A 297 0.00 -11.13 -9.05
CA GLN A 297 0.97 -10.30 -8.35
C GLN A 297 0.73 -8.83 -8.63
N GLY A 298 1.20 -7.98 -7.70
CA GLY A 298 0.90 -6.56 -7.77
C GLY A 298 1.32 -5.92 -9.09
N TRP A 299 2.51 -6.28 -9.59
CA TRP A 299 3.02 -5.64 -10.79
C TRP A 299 2.10 -5.83 -11.97
N GLU A 300 1.32 -6.92 -11.96
CA GLU A 300 0.50 -7.22 -13.14
C GLU A 300 -0.61 -6.21 -13.32
N LEU A 301 -1.12 -5.65 -12.22
CA LEU A 301 -2.16 -4.63 -12.36
C LEU A 301 -1.58 -3.32 -12.87
N ASP A 302 -0.33 -3.02 -12.52
CA ASP A 302 0.35 -1.85 -13.08
C ASP A 302 0.53 -2.03 -14.59
N ARG A 303 0.97 -3.21 -15.01
CA ARG A 303 1.10 -3.46 -16.44
C ARG A 303 -0.22 -3.28 -17.15
N ALA A 304 -1.31 -3.80 -16.57
CA ALA A 304 -2.61 -3.67 -17.21
C ALA A 304 -2.99 -2.21 -17.38
N ALA A 305 -2.82 -1.41 -16.32
CA ALA A 305 -3.19 0.00 -16.37
C ALA A 305 -2.34 0.78 -17.37
N ARG A 306 -1.03 0.57 -17.30
CA ARG A 306 -0.11 1.31 -18.15
C ARG A 306 -0.33 0.96 -19.62
N ASP A 307 -0.52 -0.32 -19.92
CA ASP A 307 -0.81 -0.73 -21.28
C ASP A 307 -2.09 -0.08 -21.78
N ALA A 308 -3.13 -0.09 -20.94
CA ALA A 308 -4.43 0.43 -21.36
C ALA A 308 -4.41 1.94 -21.53
N MET A 309 -3.53 2.63 -20.80
CA MET A 309 -3.47 4.08 -20.90
C MET A 309 -3.04 4.52 -22.30
N GLY A 310 -2.22 3.72 -22.96
CA GLY A 310 -1.87 4.00 -24.34
C GLY A 310 -0.63 4.86 -24.50
N GLU A 311 -0.17 4.93 -25.75
N GLU A 311 -0.16 4.93 -25.75
CA GLU A 311 1.13 5.52 -26.06
CA GLU A 311 1.14 5.52 -26.04
C GLU A 311 1.13 7.04 -25.96
C GLU A 311 1.14 7.05 -25.99
N ARG A 312 -0.02 7.70 -26.00
CA ARG A 312 -0.02 9.16 -25.89
C ARG A 312 0.18 9.60 -24.45
N TRP A 313 -0.50 8.93 -23.51
CA TRP A 313 -0.55 9.39 -22.12
C TRP A 313 0.33 8.58 -21.17
N ALA A 314 0.67 7.34 -21.48
CA ALA A 314 1.57 6.58 -20.61
C ALA A 314 2.93 7.25 -20.45
N PRO A 315 3.50 7.93 -21.45
CA PRO A 315 4.79 8.61 -21.21
C PRO A 315 4.74 9.69 -20.13
N HIS A 316 3.54 10.15 -19.76
CA HIS A 316 3.40 11.13 -18.70
C HIS A 316 2.86 10.52 -17.42
N PHE A 317 2.90 9.19 -17.32
CA PHE A 317 2.46 8.42 -16.15
C PHE A 317 3.69 7.79 -15.49
N LEU A 318 4.51 8.61 -14.88
CA LEU A 318 5.80 8.14 -14.39
C LEU A 318 5.71 7.80 -12.90
N HIS A 319 4.74 6.93 -12.60
CA HIS A 319 4.40 6.55 -11.24
C HIS A 319 3.83 5.15 -11.27
N ARG A 320 3.85 4.50 -10.13
CA ARG A 320 3.17 3.23 -9.95
C ARG A 320 1.65 3.41 -10.03
N THR A 321 0.96 2.30 -10.28
CA THR A 321 -0.50 2.31 -10.38
C THR A 321 -1.19 2.42 -9.04
N GLY A 322 -0.64 1.87 -7.96
CA GLY A 322 -1.30 1.99 -6.67
C GLY A 322 -0.52 1.31 -5.57
N HIS A 323 -1.05 1.42 -4.36
CA HIS A 323 -0.33 0.98 -3.17
C HIS A 323 -1.24 0.20 -2.25
N ASP A 324 -0.62 -0.68 -1.47
CA ASP A 324 -1.31 -1.28 -0.34
C ASP A 324 -1.87 -0.17 0.56
N LEU A 325 -3.05 -0.42 1.11
CA LEU A 325 -3.79 0.59 1.86
C LEU A 325 -4.06 0.02 3.24
N GLY A 326 -3.53 0.64 4.27
CA GLY A 326 -3.70 0.12 5.62
C GLY A 326 -3.87 1.17 6.70
N VAL A 327 -3.55 0.79 7.94
CA VAL A 327 -3.47 1.76 9.02
C VAL A 327 -2.39 2.79 8.71
N GLN A 328 -1.39 2.39 7.92
CA GLN A 328 -0.52 3.32 7.24
C GLN A 328 -1.07 3.50 5.83
N ILE A 329 -1.20 4.76 5.39
CA ILE A 329 -1.83 4.99 4.09
C ILE A 329 -1.08 4.26 2.99
N HIS A 330 0.25 4.28 3.04
CA HIS A 330 1.08 3.47 2.16
C HIS A 330 1.50 2.26 2.97
N GLY A 331 0.69 1.20 2.88
CA GLY A 331 0.85 0.05 3.74
C GLY A 331 2.01 -0.84 3.36
N ALA A 332 2.29 -1.77 4.25
CA ALA A 332 3.46 -2.62 4.11
C ALA A 332 3.24 -3.80 3.17
N GLY A 333 2.05 -3.97 2.59
CA GLY A 333 1.77 -5.09 1.73
C GLY A 333 2.07 -4.81 0.26
N ALA A 334 1.59 -5.71 -0.59
CA ALA A 334 1.85 -5.60 -2.02
C ALA A 334 1.34 -4.29 -2.60
N ASN A 335 2.17 -3.71 -3.46
CA ASN A 335 1.81 -2.54 -4.24
C ASN A 335 1.60 -2.90 -5.69
N LEU A 336 0.85 -2.04 -6.39
CA LEU A 336 0.54 -2.27 -7.80
C LEU A 336 1.59 -1.51 -8.58
N ASP A 337 2.75 -2.14 -8.71
CA ASP A 337 3.92 -1.43 -9.19
C ASP A 337 4.74 -2.35 -10.07
N ASP A 338 4.93 -1.92 -11.31
CA ASP A 338 5.99 -2.40 -12.19
C ASP A 338 6.83 -1.24 -12.68
N TYR A 339 6.74 -0.10 -11.98
CA TYR A 339 7.41 1.14 -12.39
C TYR A 339 8.62 1.40 -11.52
N GLU A 340 8.43 1.75 -10.24
CA GLU A 340 9.54 1.98 -9.33
C GLU A 340 10.21 0.67 -8.95
N THR A 341 9.40 -0.36 -8.74
CA THR A 341 9.85 -1.70 -8.41
C THR A 341 9.00 -2.66 -9.24
N ARG A 342 9.50 -3.88 -9.44
CA ARG A 342 8.67 -4.96 -9.96
C ARG A 342 8.18 -5.74 -8.74
N ASP A 343 6.97 -5.39 -8.27
CA ASP A 343 6.46 -5.94 -7.01
C ASP A 343 5.79 -7.28 -7.30
N THR A 344 6.50 -8.37 -7.01
CA THR A 344 6.03 -9.72 -7.29
C THR A 344 5.22 -10.30 -6.14
N ARG A 345 4.96 -9.51 -5.09
CA ARG A 345 4.11 -9.97 -4.02
C ARG A 345 2.71 -10.28 -4.53
N THR A 346 2.13 -11.32 -3.97
CA THR A 346 0.82 -11.80 -4.36
CA THR A 346 0.81 -11.75 -4.42
C THR A 346 -0.27 -10.96 -3.69
N LEU A 347 -1.28 -10.59 -4.45
CA LEU A 347 -2.42 -9.89 -3.86
C LEU A 347 -3.14 -10.85 -2.91
N THR A 348 -3.35 -10.40 -1.69
CA THR A 348 -3.68 -11.26 -0.57
C THR A 348 -5.10 -10.98 -0.09
N PRO A 349 -5.95 -12.00 0.05
CA PRO A 349 -7.30 -11.74 0.52
C PRO A 349 -7.28 -11.12 1.90
N GLY A 350 -8.14 -10.13 2.10
CA GLY A 350 -8.21 -9.44 3.36
C GLY A 350 -7.42 -8.15 3.43
N LEU A 351 -6.58 -7.87 2.42
CA LEU A 351 -5.89 -6.60 2.31
C LEU A 351 -6.67 -5.70 1.36
N SER A 352 -6.20 -4.47 1.21
CA SER A 352 -6.79 -3.53 0.28
CA SER A 352 -6.79 -3.48 0.31
C SER A 352 -5.67 -2.82 -0.48
N VAL A 353 -5.97 -2.44 -1.70
CA VAL A 353 -5.04 -1.71 -2.55
C VAL A 353 -5.77 -0.54 -3.15
N THR A 354 -5.02 0.50 -3.50
CA THR A 354 -5.55 1.56 -4.31
C THR A 354 -5.22 1.30 -5.78
N VAL A 355 -6.09 1.79 -6.64
CA VAL A 355 -5.89 1.82 -8.08
C VAL A 355 -5.97 3.30 -8.44
N GLU A 356 -4.84 3.89 -8.82
CA GLU A 356 -4.73 5.35 -8.95
C GLU A 356 -3.80 5.72 -10.10
N PRO A 357 -4.08 5.24 -11.31
CA PRO A 357 -3.33 5.71 -12.47
C PRO A 357 -3.60 7.18 -12.74
N GLY A 358 -2.67 7.78 -13.46
CA GLY A 358 -2.82 9.18 -13.81
C GLY A 358 -1.86 9.56 -14.92
N THR A 359 -2.04 10.76 -15.44
CA THR A 359 -1.08 11.30 -16.40
C THR A 359 -0.88 12.78 -16.13
N TYR A 360 0.37 13.24 -16.29
CA TYR A 360 0.82 14.50 -15.66
C TYR A 360 1.65 15.33 -16.65
N PRO A 361 1.04 15.81 -17.74
CA PRO A 361 1.79 16.66 -18.67
C PRO A 361 1.93 18.08 -18.13
N ALA A 362 3.07 18.39 -17.52
CA ALA A 362 3.25 19.72 -16.92
C ALA A 362 3.38 20.82 -17.96
N ALA A 363 3.75 20.50 -19.19
CA ALA A 363 3.93 21.54 -20.21
C ALA A 363 2.70 21.78 -21.07
N GLY A 370 -2.72 25.14 -20.86
CA GLY A 370 -1.66 24.92 -19.90
C GLY A 370 -1.52 23.49 -19.40
N GLY A 371 -0.44 23.23 -18.67
CA GLY A 371 -0.22 21.90 -18.16
C GLY A 371 -1.27 21.49 -17.14
N PHE A 372 -1.37 20.18 -16.95
CA PHE A 372 -2.39 19.62 -16.08
C PHE A 372 -1.95 18.28 -15.54
N GLY A 373 -2.74 17.78 -14.59
CA GLY A 373 -2.57 16.43 -14.11
C GLY A 373 -3.92 15.82 -13.85
N ILE A 374 -4.07 14.54 -14.17
CA ILE A 374 -5.28 13.78 -13.92
C ILE A 374 -4.88 12.52 -13.17
N ARG A 375 -5.58 12.21 -12.10
CA ARG A 375 -5.44 10.94 -11.42
C ARG A 375 -6.84 10.53 -10.96
N SER A 376 -7.18 9.26 -11.12
CA SER A 376 -8.43 8.72 -10.61
C SER A 376 -8.10 7.57 -9.69
N GLU A 377 -8.44 7.71 -8.39
CA GLU A 377 -8.07 6.75 -7.37
C GLU A 377 -9.31 6.21 -6.69
N VAL A 378 -9.42 4.89 -6.69
CA VAL A 378 -10.40 4.14 -5.93
C VAL A 378 -9.66 3.16 -5.02
N ASP A 379 -10.34 2.76 -3.97
CA ASP A 379 -9.84 1.74 -3.07
C ASP A 379 -10.54 0.43 -3.37
N VAL A 380 -9.81 -0.66 -3.29
CA VAL A 380 -10.30 -2.00 -3.57
C VAL A 380 -10.01 -2.87 -2.37
N TYR A 381 -11.04 -3.47 -1.80
CA TYR A 381 -10.86 -4.43 -0.72
C TYR A 381 -10.84 -5.82 -1.32
N LEU A 382 -9.79 -6.57 -1.01
CA LEU A 382 -9.59 -7.91 -1.59
C LEU A 382 -10.38 -8.92 -0.76
N ALA A 383 -11.71 -8.81 -0.87
CA ALA A 383 -12.57 -9.64 -0.06
C ALA A 383 -12.37 -11.11 -0.45
N PRO A 384 -12.47 -12.03 0.49
CA PRO A 384 -12.35 -13.45 0.12
C PRO A 384 -13.29 -13.88 -1.00
N ASP A 385 -14.51 -13.35 -1.05
CA ASP A 385 -15.45 -13.71 -2.08
C ASP A 385 -15.26 -12.94 -3.38
N GLY A 386 -14.24 -12.07 -3.44
CA GLY A 386 -13.91 -11.39 -4.67
C GLY A 386 -13.59 -9.92 -4.44
N PRO A 387 -12.74 -9.35 -5.29
CA PRO A 387 -12.34 -7.95 -5.11
C PRO A 387 -13.51 -7.01 -5.26
N GLU A 388 -13.56 -5.99 -4.41
CA GLU A 388 -14.65 -5.03 -4.49
C GLU A 388 -14.18 -3.60 -4.22
N VAL A 389 -14.63 -2.71 -5.09
CA VAL A 389 -14.30 -1.31 -4.93
C VAL A 389 -15.12 -0.76 -3.78
N THR A 390 -14.48 0.02 -2.90
CA THR A 390 -15.14 0.53 -1.71
C THR A 390 -15.36 2.03 -1.75
N THR A 391 -14.92 2.70 -2.81
CA THR A 391 -15.16 4.12 -3.01
C THR A 391 -15.74 4.31 -4.40
N ASP A 392 -16.26 5.51 -4.68
CA ASP A 392 -17.03 5.70 -5.89
C ASP A 392 -16.14 5.81 -7.13
N LEU A 393 -16.70 5.41 -8.26
CA LEU A 393 -16.03 5.47 -9.55
C LEU A 393 -16.44 6.72 -10.30
N GLN A 394 -15.46 7.57 -10.58
CA GLN A 394 -15.69 8.77 -11.36
C GLN A 394 -15.75 8.42 -12.85
N GLN A 395 -16.78 8.89 -13.53
CA GLN A 395 -16.91 8.61 -14.95
C GLN A 395 -16.47 9.77 -15.83
N ALA A 396 -16.48 10.99 -15.33
CA ALA A 396 -16.02 12.15 -16.07
C ALA A 396 -15.52 13.19 -15.11
N PRO A 397 -14.57 14.04 -15.52
CA PRO A 397 -14.14 15.13 -14.66
C PRO A 397 -15.30 16.05 -14.37
N PHE A 398 -15.38 16.58 -13.15
CA PHE A 398 -16.42 17.57 -12.86
C PHE A 398 -16.14 18.82 -13.68
N ILE A 399 -17.14 19.28 -14.42
CA ILE A 399 -17.02 20.48 -15.25
C ILE A 399 -17.54 21.63 -14.39
N LEU A 400 -16.63 22.31 -13.70
CA LEU A 400 -16.98 23.18 -12.58
C LEU A 400 -17.33 24.58 -13.04
N GLY A 401 -18.35 25.16 -12.38
CA GLY A 401 -18.74 26.53 -12.59
C GLY A 401 -19.78 26.71 -13.65
N VAL A 402 -20.29 25.63 -14.23
CA VAL A 402 -21.26 25.67 -15.31
C VAL A 402 -22.48 24.85 -14.89
N GLY A 403 -23.63 25.49 -14.81
CA GLY A 403 -24.83 24.80 -14.37
C GLY A 403 -24.92 24.69 -12.86
N ASP A 404 -25.89 23.89 -12.41
CA ASP A 404 -26.09 23.64 -10.99
C ASP A 404 -25.20 22.49 -10.53
N TRP A 405 -24.72 22.60 -9.29
CA TRP A 405 -23.83 21.58 -8.75
C TRP A 405 -24.39 20.16 -8.85
N ASP A 406 -25.68 19.98 -8.56
N ASP A 406 -25.66 19.97 -8.54
CA ASP A 406 -26.25 18.63 -8.60
CA ASP A 406 -26.20 18.60 -8.59
C ASP A 406 -26.02 17.99 -9.96
C ASP A 406 -26.00 17.98 -9.96
N ALA A 407 -26.15 18.78 -11.04
CA ALA A 407 -25.97 18.26 -12.38
C ALA A 407 -24.49 18.10 -12.72
N VAL A 408 -23.65 19.01 -12.23
CA VAL A 408 -22.20 18.84 -12.39
C VAL A 408 -21.77 17.53 -11.76
N ARG A 409 -22.25 17.27 -10.54
CA ARG A 409 -21.91 16.04 -9.86
C ARG A 409 -22.45 14.83 -10.63
N ALA A 410 -23.70 14.92 -11.09
CA ALA A 410 -24.30 13.79 -11.79
C ALA A 410 -23.49 13.44 -13.03
N ALA A 411 -23.09 14.44 -13.81
CA ALA A 411 -22.27 14.14 -14.98
C ALA A 411 -20.95 13.49 -14.58
N GLY A 412 -20.35 13.94 -13.48
CA GLY A 412 -19.08 13.35 -13.07
C GLY A 412 -19.24 11.89 -12.66
N TYR A 413 -20.41 11.54 -12.16
CA TYR A 413 -20.77 10.18 -11.77
C TYR A 413 -21.35 9.37 -12.91
N GLY A 414 -21.55 9.95 -14.09
CA GLY A 414 -22.22 9.25 -15.17
C GLY A 414 -23.69 8.99 -14.90
N GLU A 415 -24.33 9.86 -14.13
CA GLU A 415 -25.71 9.67 -13.70
C GLU A 415 -26.69 10.51 -14.49
N GLN A 416 -26.28 11.10 -15.62
CA GLN A 416 -27.20 11.82 -16.51
C GLN A 416 -27.69 10.94 -17.67
#